data_1Y2O
#
_entry.id   1Y2O
#
_cell.length_a   49.879
_cell.length_b   64.164
_cell.length_c   74.586
_cell.angle_alpha   90.00
_cell.angle_beta   106.18
_cell.angle_gamma   90.00
#
_symmetry.space_group_name_H-M   'P 1 21 1'
#
loop_
_entity.id
_entity.type
_entity.pdbx_description
1 polymer 'BAI1-associated protein 2 isoform 1'
2 water water
#
_entity_poly.entity_id   1
_entity_poly.type   'polypeptide(L)'
_entity_poly.pdbx_seq_one_letter_code
;(MSE)SLSRSEE(MSE)HRLTENVYKTI(MSE)EQFNPSLRNFIA(MSE)GKNYEKALAGVTYAAKGYFDALVK(MSE)G
ELASESQGSKELGDVLFQ(MSE)AEVHRQIQNQLEE(MSE)LKSFHNELLTQLEQKVELDSRYLSAALKKYQTEQRSKGD
ALDKCQAELKKLRKKSQGSKNPQKYSDKELQYIDAISNKQGELENYVSDGYKTALTEERRRFCFLVEKQCAVAKNSAAYH
SKGKELLAQKLPLWQQACADPSKIPERAVQL(MSE)QQVASN
;
_entity_poly.pdbx_strand_id   A,B
#
# COMPACT_ATOMS: atom_id res chain seq x y z
N MSE A 1 7.18 -46.63 -36.63
CA MSE A 1 8.15 -45.98 -35.69
C MSE A 1 8.11 -44.46 -35.87
O MSE A 1 7.84 -43.72 -34.92
CB MSE A 1 9.56 -46.53 -35.94
CG MSE A 1 10.54 -46.29 -34.79
SE MSE A 1 10.03 -47.16 -33.09
CE MSE A 1 9.45 -45.57 -32.10
N SER A 2 8.41 -44.02 -37.09
CA SER A 2 8.22 -42.64 -37.49
C SER A 2 6.75 -42.24 -37.43
N LEU A 3 5.88 -43.16 -37.82
CA LEU A 3 4.44 -42.97 -37.71
C LEU A 3 3.97 -42.85 -36.27
N SER A 4 4.33 -43.83 -35.44
CA SER A 4 3.96 -43.82 -34.03
C SER A 4 4.38 -42.52 -33.35
N ARG A 5 5.65 -42.16 -33.49
CA ARG A 5 6.21 -40.99 -32.86
C ARG A 5 5.56 -39.70 -33.37
N SER A 6 5.29 -39.66 -34.67
CA SER A 6 4.64 -38.53 -35.30
C SER A 6 3.20 -38.36 -34.81
N GLU A 7 2.45 -39.45 -34.74
CA GLU A 7 1.08 -39.43 -34.24
C GLU A 7 1.04 -39.00 -32.78
N GLU A 8 2.05 -39.41 -32.02
CA GLU A 8 2.18 -38.93 -30.65
C GLU A 8 2.39 -37.40 -30.56
N MSE A 9 3.27 -36.87 -31.40
CA MSE A 9 3.47 -35.43 -31.48
C MSE A 9 2.17 -34.72 -31.87
O MSE A 9 1.85 -33.68 -31.33
CB MSE A 9 4.58 -35.07 -32.45
CG MSE A 9 5.95 -34.99 -31.81
SE MSE A 9 7.25 -34.35 -33.12
CE MSE A 9 6.23 -33.05 -33.78
N HIS A 10 1.45 -35.31 -32.81
CA HIS A 10 0.13 -34.82 -33.20
C HIS A 10 -0.83 -34.73 -31.99
N ARG A 11 -0.88 -35.78 -31.17
CA ARG A 11 -1.66 -35.76 -29.92
C ARG A 11 -1.17 -34.66 -28.97
N LEU A 12 0.14 -34.57 -28.79
CA LEU A 12 0.72 -33.59 -27.87
C LEU A 12 0.39 -32.17 -28.30
N THR A 13 0.54 -31.91 -29.60
CA THR A 13 0.21 -30.63 -30.21
C THR A 13 -1.25 -30.23 -29.94
N GLU A 14 -2.17 -31.16 -30.18
CA GLU A 14 -3.59 -30.93 -29.89
C GLU A 14 -3.87 -30.63 -28.42
N ASN A 15 -3.23 -31.38 -27.52
CA ASN A 15 -3.35 -31.13 -26.08
C ASN A 15 -2.90 -29.72 -25.68
N VAL A 16 -1.81 -29.23 -26.27
CA VAL A 16 -1.32 -27.88 -26.00
C VAL A 16 -2.40 -26.84 -26.31
N TYR A 17 -2.97 -26.87 -27.51
CA TYR A 17 -4.01 -25.89 -27.87
C TYR A 17 -5.19 -26.01 -26.93
N LYS A 18 -5.65 -27.24 -26.70
CA LYS A 18 -6.76 -27.50 -25.80
C LYS A 18 -6.49 -26.94 -24.40
N THR A 19 -5.27 -27.10 -23.91
CA THR A 19 -4.93 -26.58 -22.60
C THR A 19 -4.94 -25.04 -22.56
N ILE A 20 -4.43 -24.39 -23.61
CA ILE A 20 -4.45 -22.93 -23.63
C ILE A 20 -5.90 -22.42 -23.65
N MSE A 21 -6.72 -23.02 -24.50
CA MSE A 21 -8.10 -22.58 -24.69
C MSE A 21 -9.00 -22.90 -23.52
O MSE A 21 -9.88 -22.11 -23.16
CB MSE A 21 -8.68 -23.18 -26.00
CG MSE A 21 -7.78 -22.98 -27.21
SE MSE A 21 -8.46 -23.78 -28.87
CE MSE A 21 -8.88 -25.66 -28.23
N GLU A 22 -8.79 -24.06 -22.90
CA GLU A 22 -9.67 -24.55 -21.83
C GLU A 22 -9.19 -24.24 -20.42
N GLN A 23 -7.89 -24.07 -20.22
CA GLN A 23 -7.36 -23.80 -18.88
C GLN A 23 -6.67 -22.46 -18.77
N PHE A 24 -5.68 -22.23 -19.62
CA PHE A 24 -4.87 -21.03 -19.51
C PHE A 24 -5.71 -19.76 -19.63
N ASN A 25 -6.46 -19.65 -20.72
CA ASN A 25 -7.18 -18.41 -21.00
C ASN A 25 -8.34 -18.14 -20.05
N PRO A 26 -9.17 -19.14 -19.74
CA PRO A 26 -10.19 -18.89 -18.70
C PRO A 26 -9.60 -18.50 -17.33
N SER A 27 -8.53 -19.17 -16.91
CA SER A 27 -7.86 -18.81 -15.66
C SER A 27 -7.22 -17.43 -15.72
N LEU A 28 -6.75 -17.06 -16.91
CA LEU A 28 -6.18 -15.74 -17.11
C LEU A 28 -7.27 -14.67 -17.06
N ARG A 29 -8.45 -14.96 -17.60
CA ARG A 29 -9.57 -14.05 -17.47
C ARG A 29 -9.94 -13.83 -16.00
N ASN A 30 -9.83 -14.87 -15.18
CA ASN A 30 -10.14 -14.73 -13.76
C ASN A 30 -9.06 -13.90 -13.06
N PHE A 31 -7.80 -14.14 -13.43
CA PHE A 31 -6.69 -13.34 -12.96
C PHE A 31 -6.90 -11.84 -13.26
N ILE A 32 -7.34 -11.54 -14.48
CA ILE A 32 -7.64 -10.16 -14.91
C ILE A 32 -8.79 -9.54 -14.11
N ALA A 33 -9.88 -10.29 -13.93
CA ALA A 33 -10.98 -9.88 -13.07
C ALA A 33 -10.49 -9.59 -11.66
N MSE A 34 -9.67 -10.47 -11.10
CA MSE A 34 -9.17 -10.27 -9.75
C MSE A 34 -8.27 -9.05 -9.66
O MSE A 34 -8.25 -8.35 -8.64
CB MSE A 34 -8.44 -11.52 -9.24
CG MSE A 34 -9.32 -12.75 -9.07
SE MSE A 34 -10.85 -12.49 -7.89
CE MSE A 34 -11.77 -14.26 -8.14
N GLY A 35 -7.55 -8.77 -10.75
CA GLY A 35 -6.66 -7.63 -10.83
C GLY A 35 -7.37 -6.30 -10.96
N LYS A 36 -8.48 -6.30 -11.67
CA LYS A 36 -9.34 -5.11 -11.75
C LYS A 36 -9.94 -4.77 -10.39
N ASN A 37 -10.31 -5.80 -9.61
CA ASN A 37 -10.80 -5.62 -8.24
C ASN A 37 -9.74 -5.04 -7.31
N TYR A 38 -8.50 -5.52 -7.48
CA TYR A 38 -7.35 -5.06 -6.73
C TYR A 38 -7.07 -3.59 -7.08
N GLU A 39 -7.09 -3.27 -8.37
CA GLU A 39 -6.93 -1.91 -8.84
C GLU A 39 -7.99 -0.99 -8.23
N LYS A 40 -9.24 -1.43 -8.28
CA LYS A 40 -10.35 -0.70 -7.70
C LYS A 40 -10.07 -0.45 -6.21
N ALA A 41 -9.63 -1.47 -5.49
CA ALA A 41 -9.40 -1.37 -4.05
C ALA A 41 -8.26 -0.40 -3.70
N LEU A 42 -7.14 -0.52 -4.41
CA LEU A 42 -6.00 0.40 -4.23
C LEU A 42 -6.35 1.83 -4.60
N ALA A 43 -7.08 2.02 -5.71
CA ALA A 43 -7.56 3.34 -6.05
C ALA A 43 -8.46 3.94 -4.97
N GLY A 44 -9.24 3.09 -4.30
CA GLY A 44 -10.07 3.51 -3.17
C GLY A 44 -9.27 4.08 -2.01
N VAL A 45 -8.10 3.51 -1.77
CA VAL A 45 -7.17 3.99 -0.74
C VAL A 45 -6.69 5.41 -1.05
N THR A 46 -6.38 5.66 -2.33
CA THR A 46 -5.95 6.98 -2.79
C THR A 46 -6.82 8.12 -2.27
N TYR A 47 -8.12 8.06 -2.55
CA TYR A 47 -9.06 9.09 -2.13
C TYR A 47 -9.15 9.24 -0.61
N ALA A 48 -9.11 8.11 0.10
CA ALA A 48 -9.29 8.08 1.55
C ALA A 48 -8.05 8.62 2.27
N ALA A 49 -6.88 8.21 1.78
CA ALA A 49 -5.60 8.71 2.27
C ALA A 49 -5.50 10.23 2.19
N LYS A 50 -6.07 10.80 1.15
CA LYS A 50 -6.00 12.24 0.93
C LYS A 50 -6.83 13.04 1.94
N GLY A 51 -8.03 12.59 2.25
CA GLY A 51 -8.83 13.23 3.29
C GLY A 51 -8.20 13.06 4.67
N TYR A 52 -7.49 11.95 4.87
CA TYR A 52 -6.75 11.68 6.09
C TYR A 52 -5.60 12.67 6.25
N PHE A 53 -4.74 12.76 5.24
CA PHE A 53 -3.59 13.65 5.33
C PHE A 53 -3.94 15.13 5.23
N ASP A 54 -5.07 15.45 4.58
CA ASP A 54 -5.64 16.80 4.70
C ASP A 54 -6.06 17.11 6.13
N ALA A 55 -6.67 16.14 6.81
CA ALA A 55 -7.08 16.31 8.22
C ALA A 55 -5.85 16.48 9.14
N LEU A 56 -4.77 15.81 8.76
CA LEU A 56 -3.49 15.89 9.45
C LEU A 56 -2.84 17.26 9.26
N VAL A 57 -2.85 17.74 8.02
CA VAL A 57 -2.41 19.10 7.71
C VAL A 57 -3.19 20.13 8.55
N LYS A 58 -4.49 19.90 8.70
CA LYS A 58 -5.31 20.78 9.54
C LYS A 58 -4.85 20.82 11.00
N MSE A 59 -4.49 19.68 11.59
CA MSE A 59 -3.93 19.64 12.94
C MSE A 59 -2.60 20.39 12.98
O MSE A 59 -2.28 21.04 13.98
CB MSE A 59 -3.74 18.20 13.45
CG MSE A 59 -4.99 17.29 13.41
SE MSE A 59 -6.61 18.06 14.24
CE MSE A 59 -5.98 18.15 16.07
N GLY A 60 -1.80 20.29 11.91
CA GLY A 60 -0.56 21.05 11.76
C GLY A 60 -0.77 22.56 11.79
N GLU A 61 -1.80 23.03 11.06
CA GLU A 61 -2.24 24.42 11.16
C GLU A 61 -2.56 24.85 12.60
N LEU A 62 -3.42 24.09 13.29
CA LEU A 62 -3.74 24.36 14.70
C LEU A 62 -2.51 24.41 15.60
N ALA A 63 -1.61 23.46 15.43
CA ALA A 63 -0.31 23.47 16.13
C ALA A 63 0.51 24.72 15.81
N SER A 64 0.55 25.11 14.54
CA SER A 64 1.24 26.34 14.12
C SER A 64 0.73 27.57 14.85
N GLU A 65 -0.55 27.56 15.21
CA GLU A 65 -1.23 28.71 15.77
C GLU A 65 -1.33 28.63 17.29
N SER A 66 -0.78 27.56 17.87
CA SER A 66 -0.88 27.31 19.30
C SER A 66 0.06 28.21 20.11
N GLN A 67 -0.13 28.23 21.42
CA GLN A 67 0.72 29.05 22.27
C GLN A 67 2.04 28.35 22.59
N GLY A 68 2.05 27.02 22.63
CA GLY A 68 3.25 26.27 23.01
C GLY A 68 3.61 25.00 22.24
N SER A 69 2.99 24.77 21.08
CA SER A 69 3.28 23.57 20.28
C SER A 69 3.63 23.89 18.82
N LYS A 70 4.08 25.12 18.58
CA LYS A 70 4.30 25.59 17.20
C LYS A 70 5.25 24.72 16.40
N GLU A 71 6.27 24.20 17.08
CA GLU A 71 7.25 23.25 16.51
C GLU A 71 6.58 22.01 15.91
N LEU A 72 5.48 21.59 16.53
CA LEU A 72 4.81 20.38 16.07
C LEU A 72 4.01 20.64 14.80
N GLY A 73 3.83 21.91 14.45
CA GLY A 73 3.21 22.31 13.20
C GLY A 73 3.94 21.79 11.97
N ASP A 74 5.25 22.03 11.92
CA ASP A 74 6.02 21.59 10.77
C ASP A 74 6.18 20.07 10.73
N VAL A 75 6.28 19.45 11.91
CA VAL A 75 6.32 18.01 12.02
C VAL A 75 5.09 17.38 11.34
N LEU A 76 3.90 17.87 11.68
CA LEU A 76 2.66 17.40 11.07
C LEU A 76 2.58 17.66 9.56
N PHE A 77 3.06 18.82 9.12
CA PHE A 77 3.15 19.12 7.68
C PHE A 77 4.12 18.18 6.96
N GLN A 78 5.25 17.88 7.58
CA GLN A 78 6.19 16.97 6.93
C GLN A 78 5.72 15.49 6.93
N MSE A 79 4.88 15.10 7.89
CA MSE A 79 4.24 13.77 7.86
C MSE A 79 3.32 13.65 6.66
O MSE A 79 3.32 12.63 5.96
CB MSE A 79 3.47 13.47 9.15
CG MSE A 79 4.36 13.32 10.36
SE MSE A 79 3.39 13.13 12.05
CE MSE A 79 1.76 13.85 11.51
N ALA A 80 2.54 14.71 6.40
CA ALA A 80 1.67 14.77 5.25
C ALA A 80 2.45 14.79 3.94
N GLU A 81 3.57 15.53 3.92
CA GLU A 81 4.41 15.63 2.73
C GLU A 81 5.09 14.30 2.38
N VAL A 82 5.59 13.59 3.40
CA VAL A 82 6.16 12.27 3.20
C VAL A 82 5.12 11.36 2.55
N HIS A 83 3.89 11.40 3.04
CA HIS A 83 2.84 10.60 2.42
C HIS A 83 2.60 10.99 0.97
N ARG A 84 2.49 12.30 0.72
CA ARG A 84 2.21 12.80 -0.61
C ARG A 84 3.20 12.22 -1.62
N GLN A 85 4.47 12.20 -1.24
CA GLN A 85 5.52 11.62 -2.09
C GLN A 85 5.39 10.12 -2.26
N ILE A 86 5.04 9.41 -1.18
CA ILE A 86 4.85 7.97 -1.20
C ILE A 86 3.62 7.58 -2.04
N GLN A 87 2.48 8.23 -1.77
CA GLN A 87 1.24 8.00 -2.50
C GLN A 87 1.39 8.29 -4.00
N ASN A 88 2.28 9.22 -4.35
CA ASN A 88 2.59 9.49 -5.75
C ASN A 88 3.30 8.35 -6.45
N GLN A 89 4.28 7.74 -5.78
CA GLN A 89 4.97 6.58 -6.32
C GLN A 89 4.01 5.38 -6.43
N LEU A 90 3.07 5.29 -5.48
CA LEU A 90 2.00 4.30 -5.56
C LEU A 90 1.20 4.46 -6.86
N GLU A 91 0.69 5.67 -7.09
CA GLU A 91 -0.04 6.01 -8.32
C GLU A 91 0.73 5.71 -9.61
N GLU A 92 2.05 5.83 -9.56
CA GLU A 92 2.89 5.39 -10.67
C GLU A 92 2.79 3.88 -10.92
N MSE A 93 2.82 3.08 -9.85
CA MSE A 93 2.73 1.64 -10.00
C MSE A 93 1.32 1.25 -10.44
O MSE A 93 1.15 0.31 -11.20
CB MSE A 93 3.23 0.87 -8.76
CG MSE A 93 2.20 0.45 -7.74
SE MSE A 93 1.16 -1.18 -8.19
CE MSE A 93 0.44 -1.56 -6.40
N LEU A 94 0.32 1.99 -9.96
CA LEU A 94 -1.08 1.78 -10.32
C LEU A 94 -1.35 2.02 -11.81
N LYS A 95 -0.73 3.06 -12.36
CA LYS A 95 -0.79 3.35 -13.79
C LYS A 95 -0.18 2.22 -14.62
N SER A 96 0.99 1.74 -14.20
CA SER A 96 1.66 0.63 -14.89
C SER A 96 0.89 -0.68 -14.71
N PHE A 97 0.27 -0.85 -13.55
CA PHE A 97 -0.55 -2.03 -13.28
C PHE A 97 -1.73 -2.07 -14.24
N HIS A 98 -2.33 -0.91 -14.48
CA HIS A 98 -3.47 -0.78 -15.37
C HIS A 98 -3.07 -0.86 -16.83
N ASN A 99 -2.12 -0.01 -17.23
CA ASN A 99 -1.71 0.13 -18.62
C ASN A 99 -0.85 -0.99 -19.16
N GLU A 100 0.04 -1.52 -18.33
CA GLU A 100 1.01 -2.51 -18.80
C GLU A 100 0.57 -3.94 -18.48
N LEU A 101 0.01 -4.17 -17.31
CA LEU A 101 -0.42 -5.53 -16.99
C LEU A 101 -1.85 -5.79 -17.49
N LEU A 102 -2.84 -5.08 -16.93
CA LEU A 102 -4.25 -5.41 -17.16
C LEU A 102 -4.70 -5.24 -18.62
N THR A 103 -4.44 -4.07 -19.19
CA THR A 103 -4.80 -3.78 -20.58
C THR A 103 -4.15 -4.74 -21.58
N GLN A 104 -2.88 -5.05 -21.37
CA GLN A 104 -2.13 -5.87 -22.31
C GLN A 104 -2.58 -7.32 -22.25
N LEU A 105 -2.82 -7.83 -21.05
CA LEU A 105 -3.30 -9.18 -20.88
C LEU A 105 -4.72 -9.35 -21.42
N GLU A 106 -5.58 -8.36 -21.19
CA GLU A 106 -6.93 -8.36 -21.72
C GLU A 106 -6.97 -8.36 -23.26
N GLN A 107 -6.11 -7.57 -23.88
CA GLN A 107 -6.03 -7.47 -25.33
C GLN A 107 -5.61 -8.82 -25.87
N LYS A 108 -4.70 -9.46 -25.16
CA LYS A 108 -4.20 -10.77 -25.53
C LYS A 108 -5.25 -11.88 -25.48
N VAL A 109 -6.02 -11.98 -24.39
CA VAL A 109 -7.11 -12.98 -24.32
C VAL A 109 -8.17 -12.73 -25.39
N GLU A 110 -8.46 -11.46 -25.64
CA GLU A 110 -9.42 -11.06 -26.66
C GLU A 110 -8.96 -11.54 -28.05
N LEU A 111 -7.70 -11.31 -28.39
CA LEU A 111 -7.16 -11.78 -29.67
C LEU A 111 -7.17 -13.30 -29.80
N ASP A 112 -6.81 -13.97 -28.72
CA ASP A 112 -6.74 -15.44 -28.67
C ASP A 112 -8.04 -16.15 -28.97
N SER A 113 -9.17 -15.56 -28.58
CA SER A 113 -10.44 -16.25 -28.75
C SER A 113 -10.66 -16.71 -30.20
N ARG A 114 -10.42 -15.84 -31.18
CA ARG A 114 -10.53 -16.25 -32.60
C ARG A 114 -9.23 -16.88 -33.11
N TYR A 115 -8.09 -16.40 -32.62
CA TYR A 115 -6.79 -16.83 -33.14
C TYR A 115 -6.51 -18.30 -32.89
N LEU A 116 -6.63 -18.74 -31.64
CA LEU A 116 -6.34 -20.12 -31.28
C LEU A 116 -7.27 -21.13 -31.97
N SER A 117 -8.56 -20.82 -32.01
CA SER A 117 -9.55 -21.59 -32.75
C SER A 117 -9.15 -21.77 -34.20
N ALA A 118 -8.82 -20.66 -34.85
CA ALA A 118 -8.46 -20.66 -36.25
C ALA A 118 -7.15 -21.40 -36.50
N ALA A 119 -6.16 -21.15 -35.65
CA ALA A 119 -4.85 -21.79 -35.78
C ALA A 119 -4.94 -23.28 -35.60
N LEU A 120 -5.74 -23.70 -34.61
CA LEU A 120 -6.01 -25.12 -34.38
C LEU A 120 -6.72 -25.76 -35.58
N LYS A 121 -7.82 -25.15 -36.05
CA LYS A 121 -8.59 -25.73 -37.15
C LYS A 121 -7.76 -25.84 -38.43
N LYS A 122 -6.91 -24.85 -38.66
CA LYS A 122 -6.01 -24.86 -39.80
C LYS A 122 -5.00 -26.00 -39.66
N TYR A 123 -4.44 -26.17 -38.47
CA TYR A 123 -3.51 -27.27 -38.23
C TYR A 123 -4.22 -28.63 -38.48
N GLN A 124 -5.41 -28.81 -37.90
CA GLN A 124 -6.14 -30.06 -38.01
C GLN A 124 -6.53 -30.37 -39.46
N THR A 125 -7.04 -29.37 -40.17
CA THR A 125 -7.46 -29.51 -41.57
C THR A 125 -6.32 -29.94 -42.45
N GLU A 126 -5.16 -29.29 -42.28
CA GLU A 126 -4.01 -29.54 -43.12
C GLU A 126 -3.34 -30.88 -42.81
N GLN A 127 -3.19 -31.19 -41.52
CA GLN A 127 -2.66 -32.47 -41.06
C GLN A 127 -3.48 -33.65 -41.61
N ARG A 128 -4.80 -33.47 -41.64
CA ARG A 128 -5.71 -34.49 -42.14
C ARG A 128 -5.61 -34.69 -43.65
N SER A 129 -5.62 -33.60 -44.41
CA SER A 129 -5.56 -33.71 -45.86
C SER A 129 -4.21 -34.24 -46.32
N LYS A 130 -3.15 -33.94 -45.56
CA LYS A 130 -1.84 -34.53 -45.83
C LYS A 130 -1.85 -36.05 -45.59
N GLY A 131 -2.47 -36.48 -44.49
CA GLY A 131 -2.63 -37.89 -44.19
C GLY A 131 -3.45 -38.60 -45.25
N ASP A 132 -4.55 -37.96 -45.67
CA ASP A 132 -5.44 -38.51 -46.69
C ASP A 132 -4.75 -38.66 -48.03
N ALA A 133 -3.98 -37.65 -48.44
CA ALA A 133 -3.25 -37.71 -49.71
C ALA A 133 -2.21 -38.85 -49.68
N LEU A 134 -1.55 -39.02 -48.54
CA LEU A 134 -0.62 -40.12 -48.35
C LEU A 134 -1.33 -41.49 -48.43
N ASP A 135 -2.45 -41.64 -47.71
CA ASP A 135 -3.25 -42.87 -47.72
C ASP A 135 -3.69 -43.26 -49.12
N LYS A 136 -4.20 -42.27 -49.85
CA LYS A 136 -4.67 -42.47 -51.22
C LYS A 136 -3.53 -42.92 -52.11
N CYS A 137 -2.37 -42.29 -51.92
CA CYS A 137 -1.19 -42.59 -52.68
C CYS A 137 -0.75 -44.04 -52.41
N GLN A 138 -0.84 -44.46 -51.16
CA GLN A 138 -0.51 -45.83 -50.77
C GLN A 138 -1.46 -46.88 -51.34
N ALA A 139 -2.75 -46.56 -51.39
CA ALA A 139 -3.76 -47.44 -51.95
C ALA A 139 -3.59 -47.59 -53.46
N GLU A 140 -3.17 -46.51 -54.11
CA GLU A 140 -2.94 -46.51 -55.56
C GLU A 140 -1.77 -47.41 -55.95
N LEU A 141 -0.70 -47.39 -55.17
CA LEU A 141 0.44 -48.27 -55.39
C LEU A 141 0.06 -49.74 -55.19
N LYS A 142 -0.71 -50.00 -54.14
CA LYS A 142 -1.13 -51.37 -53.78
C LYS A 142 -1.98 -52.00 -54.88
N LYS A 143 -2.86 -51.19 -55.50
CA LYS A 143 -3.66 -51.63 -56.64
C LYS A 143 -2.76 -51.99 -57.81
N LEU A 144 -1.81 -51.09 -58.10
CA LEU A 144 -0.89 -51.24 -59.21
C LEU A 144 -0.03 -52.50 -59.08
N ARG A 145 0.38 -52.81 -57.85
CA ARG A 145 1.16 -54.01 -57.56
C ARG A 145 0.39 -55.31 -57.80
N LYS A 146 -0.88 -55.34 -57.37
CA LYS A 146 -1.76 -56.49 -57.65
C LYS A 146 -1.95 -56.71 -59.13
N LYS A 147 -2.02 -55.61 -59.89
CA LYS A 147 -2.18 -55.69 -61.34
C LYS A 147 -0.92 -56.21 -62.05
N SER A 148 0.24 -55.62 -61.74
CA SER A 148 1.49 -55.98 -62.39
C SER A 148 1.94 -57.42 -62.07
N GLN A 149 1.76 -57.83 -60.80
CA GLN A 149 2.16 -59.18 -60.35
C GLN A 149 1.50 -60.29 -61.17
N GLY A 150 0.18 -60.22 -61.34
CA GLY A 150 -0.57 -61.19 -62.13
C GLY A 150 -0.58 -60.86 -63.62
N SER A 151 0.62 -60.65 -64.19
CA SER A 151 0.77 -60.33 -65.60
C SER A 151 2.09 -60.90 -66.17
N LYS A 152 2.07 -61.26 -67.45
CA LYS A 152 3.23 -61.82 -68.14
C LYS A 152 4.43 -60.86 -68.21
N ASN A 153 4.16 -59.57 -68.24
CA ASN A 153 5.22 -58.55 -68.25
C ASN A 153 5.09 -57.58 -67.06
N PRO A 154 5.56 -57.99 -65.87
CA PRO A 154 5.52 -57.13 -64.67
C PRO A 154 6.50 -55.96 -64.74
N GLN A 155 7.55 -56.10 -65.55
CA GLN A 155 8.58 -55.07 -65.73
C GLN A 155 8.02 -53.78 -66.33
N LYS A 156 7.02 -53.91 -67.19
CA LYS A 156 6.45 -52.78 -67.93
C LYS A 156 5.94 -51.65 -67.03
N TYR A 157 5.18 -52.02 -65.99
CA TYR A 157 4.51 -51.05 -65.13
C TYR A 157 5.35 -50.55 -63.94
N SER A 158 6.61 -50.96 -63.89
CA SER A 158 7.47 -50.69 -62.72
C SER A 158 7.99 -49.25 -62.63
N ASP A 159 8.04 -48.55 -63.76
CA ASP A 159 8.45 -47.14 -63.78
C ASP A 159 7.43 -46.25 -63.08
N LYS A 160 6.15 -46.58 -63.25
CA LYS A 160 5.06 -45.90 -62.56
C LYS A 160 5.02 -46.27 -61.07
N GLU A 161 5.40 -47.51 -60.77
CA GLU A 161 5.50 -47.98 -59.39
C GLU A 161 6.61 -47.26 -58.60
N LEU A 162 7.76 -47.07 -59.25
CA LEU A 162 8.88 -46.36 -58.64
C LEU A 162 8.51 -44.89 -58.40
N GLN A 163 7.78 -44.32 -59.35
CA GLN A 163 7.29 -42.95 -59.24
C GLN A 163 6.32 -42.81 -58.07
N TYR A 164 5.49 -43.83 -57.87
CA TYR A 164 4.56 -43.88 -56.75
C TYR A 164 5.26 -44.03 -55.41
N ILE A 165 6.33 -44.83 -55.39
CA ILE A 165 7.15 -45.00 -54.19
C ILE A 165 7.81 -43.68 -53.77
N ASP A 166 8.29 -42.91 -54.74
CA ASP A 166 8.83 -41.56 -54.49
C ASP A 166 7.79 -40.63 -53.90
N ALA A 167 6.62 -40.56 -54.53
CA ALA A 167 5.53 -39.69 -54.12
C ALA A 167 5.13 -39.98 -52.67
N ILE A 168 5.06 -41.27 -52.34
CA ILE A 168 4.75 -41.73 -50.99
C ILE A 168 5.79 -41.24 -49.97
N SER A 169 7.07 -41.40 -50.30
CA SER A 169 8.16 -40.95 -49.42
C SER A 169 8.18 -39.44 -49.24
N ASN A 170 7.96 -38.69 -50.33
CA ASN A 170 7.81 -37.24 -50.25
C ASN A 170 6.63 -36.82 -49.35
N LYS A 171 5.48 -37.46 -49.54
CA LYS A 171 4.27 -37.11 -48.77
C LYS A 171 4.43 -37.43 -47.30
N GLN A 172 5.01 -38.59 -47.00
CA GLN A 172 5.32 -38.98 -45.63
C GLN A 172 6.29 -37.98 -44.97
N GLY A 173 7.31 -37.57 -45.73
CA GLY A 173 8.24 -36.55 -45.28
C GLY A 173 7.55 -35.24 -44.99
N GLU A 174 6.65 -34.83 -45.88
CA GLU A 174 5.91 -33.58 -45.72
C GLU A 174 4.98 -33.63 -44.50
N LEU A 175 4.30 -34.76 -44.30
CA LEU A 175 3.43 -34.93 -43.14
C LEU A 175 4.20 -34.88 -41.80
N GLU A 176 5.28 -35.63 -41.71
CA GLU A 176 6.15 -35.65 -40.52
C GLU A 176 6.73 -34.27 -40.22
N ASN A 177 7.24 -33.59 -41.25
CA ASN A 177 7.74 -32.25 -41.09
C ASN A 177 6.64 -31.30 -40.60
N TYR A 178 5.44 -31.40 -41.19
CA TYR A 178 4.31 -30.57 -40.79
C TYR A 178 3.98 -30.76 -39.31
N VAL A 179 3.98 -32.01 -38.87
CA VAL A 179 3.66 -32.39 -37.50
C VAL A 179 4.74 -31.93 -36.51
N SER A 180 6.02 -32.08 -36.86
CA SER A 180 7.06 -31.59 -35.97
C SER A 180 7.13 -30.07 -35.90
N ASP A 181 6.92 -29.39 -37.02
CA ASP A 181 6.76 -27.92 -37.01
C ASP A 181 5.56 -27.44 -36.19
N GLY A 182 4.43 -28.12 -36.35
CA GLY A 182 3.24 -27.84 -35.57
C GLY A 182 3.48 -28.00 -34.08
N TYR A 183 4.29 -28.99 -33.71
CA TYR A 183 4.58 -29.27 -32.31
C TYR A 183 5.49 -28.21 -31.70
N LYS A 184 6.58 -27.86 -32.39
CA LYS A 184 7.43 -26.76 -31.99
C LYS A 184 6.63 -25.44 -31.89
N THR A 185 5.75 -25.21 -32.87
CA THR A 185 4.89 -24.03 -32.84
C THR A 185 3.97 -24.05 -31.62
N ALA A 186 3.35 -25.20 -31.34
CA ALA A 186 2.43 -25.27 -30.20
C ALA A 186 3.15 -24.95 -28.89
N LEU A 187 4.35 -25.52 -28.72
CA LEU A 187 5.15 -25.31 -27.54
C LEU A 187 5.56 -23.85 -27.39
N THR A 188 5.93 -23.24 -28.51
CA THR A 188 6.31 -21.83 -28.53
C THR A 188 5.10 -20.97 -28.14
N GLU A 189 3.92 -21.30 -28.66
CA GLU A 189 2.69 -20.58 -28.33
C GLU A 189 2.40 -20.67 -26.83
N GLU A 190 2.54 -21.87 -26.26
CA GLU A 190 2.32 -22.08 -24.83
C GLU A 190 3.29 -21.25 -24.00
N ARG A 191 4.58 -21.33 -24.34
CA ARG A 191 5.61 -20.69 -23.56
C ARG A 191 5.57 -19.15 -23.60
N ARG A 192 5.35 -18.59 -24.79
CA ARG A 192 5.21 -17.14 -24.98
C ARG A 192 4.13 -16.53 -24.08
N ARG A 193 3.06 -17.27 -23.85
CA ARG A 193 1.95 -16.77 -23.04
C ARG A 193 2.25 -16.76 -21.54
N PHE A 194 2.94 -17.80 -21.07
CA PHE A 194 3.43 -17.79 -19.69
C PHE A 194 4.50 -16.71 -19.51
N CYS A 195 5.43 -16.60 -20.47
CA CYS A 195 6.49 -15.60 -20.39
C CYS A 195 5.97 -14.16 -20.39
N PHE A 196 4.97 -13.89 -21.23
CA PHE A 196 4.36 -12.56 -21.26
C PHE A 196 3.76 -12.20 -19.90
N LEU A 197 3.02 -13.13 -19.30
CA LEU A 197 2.45 -12.92 -17.99
C LEU A 197 3.54 -12.61 -16.96
N VAL A 198 4.61 -13.40 -16.94
CA VAL A 198 5.72 -13.18 -16.01
C VAL A 198 6.39 -11.82 -16.27
N GLU A 199 6.60 -11.50 -17.55
CA GLU A 199 7.16 -10.22 -18.00
C GLU A 199 6.36 -9.04 -17.44
N LYS A 200 5.03 -9.07 -17.59
CA LYS A 200 4.15 -8.01 -17.11
C LYS A 200 4.20 -7.86 -15.59
N GLN A 201 4.24 -8.99 -14.90
CA GLN A 201 4.37 -9.03 -13.45
C GLN A 201 5.66 -8.37 -12.99
N CYS A 202 6.77 -8.72 -13.64
CA CYS A 202 8.07 -8.12 -13.36
C CYS A 202 8.05 -6.60 -13.51
N ALA A 203 7.32 -6.11 -14.52
CA ALA A 203 7.20 -4.68 -14.76
C ALA A 203 6.55 -3.94 -13.60
N VAL A 204 5.46 -4.50 -13.05
CA VAL A 204 4.81 -3.84 -11.94
C VAL A 204 5.62 -4.00 -10.66
N ALA A 205 6.24 -5.17 -10.46
CA ALA A 205 7.11 -5.42 -9.31
C ALA A 205 8.28 -4.43 -9.24
N LYS A 206 8.79 -4.01 -10.39
CA LYS A 206 9.84 -3.00 -10.48
C LYS A 206 9.32 -1.65 -9.98
N ASN A 207 8.06 -1.36 -10.28
CA ASN A 207 7.40 -0.17 -9.79
C ASN A 207 7.06 -0.29 -8.31
N SER A 208 6.66 -1.46 -7.86
CA SER A 208 6.44 -1.68 -6.42
C SER A 208 7.73 -1.46 -5.63
N ALA A 209 8.84 -1.98 -6.15
CA ALA A 209 10.14 -1.83 -5.51
C ALA A 209 10.53 -0.36 -5.39
N ALA A 210 10.30 0.42 -6.45
CA ALA A 210 10.61 1.85 -6.42
C ALA A 210 9.72 2.58 -5.40
N TYR A 211 8.45 2.20 -5.36
CA TYR A 211 7.50 2.68 -4.36
C TYR A 211 7.93 2.36 -2.92
N HIS A 212 8.26 1.10 -2.64
CA HIS A 212 8.71 0.73 -1.30
C HIS A 212 10.05 1.37 -0.88
N SER A 213 10.99 1.49 -1.83
CA SER A 213 12.29 2.03 -1.51
C SER A 213 12.18 3.52 -1.20
N LYS A 214 11.33 4.21 -1.94
CA LYS A 214 10.98 5.60 -1.65
C LYS A 214 10.36 5.74 -0.27
N GLY A 215 9.43 4.85 0.08
CA GLY A 215 8.80 4.86 1.40
C GLY A 215 9.80 4.70 2.53
N LYS A 216 10.67 3.71 2.38
CA LYS A 216 11.71 3.40 3.36
C LYS A 216 12.65 4.58 3.57
N GLU A 217 13.13 5.11 2.45
CA GLU A 217 14.05 6.24 2.41
C GLU A 217 13.49 7.46 3.13
N LEU A 218 12.29 7.88 2.78
CA LEU A 218 11.72 9.10 3.36
C LEU A 218 11.47 8.96 4.84
N LEU A 219 11.07 7.76 5.27
CA LEU A 219 10.79 7.55 6.68
C LEU A 219 12.05 7.42 7.51
N ALA A 220 13.11 6.84 6.93
CA ALA A 220 14.41 6.71 7.61
C ALA A 220 15.02 8.05 7.96
N GLN A 221 14.86 9.01 7.05
CA GLN A 221 15.29 10.38 7.27
C GLN A 221 14.44 11.07 8.36
N LYS A 222 13.13 11.00 8.22
CA LYS A 222 12.23 11.83 9.03
C LYS A 222 11.84 11.27 10.40
N LEU A 223 11.64 9.96 10.50
CA LEU A 223 11.06 9.35 11.70
C LEU A 223 11.83 9.61 13.03
N PRO A 224 13.17 9.40 13.06
CA PRO A 224 13.88 9.79 14.29
C PRO A 224 13.63 11.22 14.73
N LEU A 225 13.51 12.14 13.77
CA LEU A 225 13.26 13.54 14.06
C LEU A 225 11.85 13.76 14.63
N TRP A 226 10.85 13.11 14.03
CA TRP A 226 9.48 13.17 14.54
C TRP A 226 9.39 12.58 15.96
N GLN A 227 10.06 11.45 16.19
CA GLN A 227 10.10 10.81 17.50
C GLN A 227 10.71 11.76 18.55
N GLN A 228 11.79 12.45 18.18
CA GLN A 228 12.43 13.44 19.06
C GLN A 228 11.52 14.65 19.34
N ALA A 229 10.78 15.09 18.33
CA ALA A 229 10.01 16.34 18.40
C ALA A 229 8.88 16.31 19.42
N CYS A 230 8.15 15.20 19.45
CA CYS A 230 7.01 15.05 20.37
C CYS A 230 7.43 14.47 21.70
N ALA A 231 8.74 14.34 21.91
CA ALA A 231 9.29 13.61 23.07
C ALA A 231 9.13 14.31 24.42
N ASP A 232 8.86 15.62 24.41
CA ASP A 232 8.76 16.38 25.65
C ASP A 232 7.49 17.25 25.69
N PRO A 233 6.36 16.67 26.16
CA PRO A 233 5.09 17.41 26.21
C PRO A 233 5.01 18.40 27.37
N SER A 234 6.02 18.39 28.25
CA SER A 234 6.06 19.30 29.38
C SER A 234 6.80 20.60 29.07
N LYS A 235 7.32 20.71 27.85
CA LYS A 235 8.16 21.84 27.46
C LYS A 235 7.37 23.14 27.26
N ILE A 236 7.67 24.13 28.11
CA ILE A 236 7.08 25.47 28.02
C ILE A 236 7.90 26.31 27.04
N PRO A 237 7.23 27.11 26.19
CA PRO A 237 7.99 28.01 25.32
C PRO A 237 8.62 29.17 26.12
N GLU A 238 9.73 29.69 25.62
CA GLU A 238 10.51 30.73 26.31
C GLU A 238 9.67 31.93 26.74
N ARG A 239 8.82 32.42 25.83
CA ARG A 239 7.94 33.57 26.09
C ARG A 239 7.07 33.40 27.33
N ALA A 240 6.52 32.20 27.49
CA ALA A 240 5.66 31.87 28.62
C ALA A 240 6.42 31.85 29.95
N VAL A 241 7.66 31.33 29.91
CA VAL A 241 8.52 31.33 31.09
C VAL A 241 8.88 32.77 31.47
N GLN A 242 9.21 33.59 30.48
CA GLN A 242 9.51 35.01 30.71
C GLN A 242 8.29 35.76 31.27
N LEU A 243 7.10 35.41 30.78
CA LEU A 243 5.85 36.01 31.23
C LEU A 243 5.55 35.67 32.69
N MSE A 244 5.75 34.41 33.06
CA MSE A 244 5.59 33.94 34.44
C MSE A 244 6.58 34.61 35.39
O MSE A 244 6.25 34.91 36.53
CB MSE A 244 5.73 32.42 34.54
CG MSE A 244 4.62 31.66 33.83
SE MSE A 244 5.00 29.76 33.71
CE MSE A 244 4.23 29.35 32.00
N GLN A 245 7.81 34.82 34.90
CA GLN A 245 8.84 35.53 35.65
C GLN A 245 8.45 36.98 35.92
N GLN A 246 7.70 37.58 35.00
CA GLN A 246 7.26 38.97 35.14
C GLN A 246 6.21 39.12 36.23
N VAL A 247 5.35 38.11 36.38
CA VAL A 247 4.38 38.06 37.47
C VAL A 247 5.03 37.41 38.71
N ALA A 248 6.19 37.93 39.10
CA ALA A 248 6.98 37.37 40.21
C ALA A 248 7.97 38.37 40.81
N MSE B 1 3.84 45.39 35.03
CA MSE B 1 3.63 45.35 36.51
C MSE B 1 3.53 43.90 37.05
O MSE B 1 4.53 43.20 37.07
CB MSE B 1 2.39 46.18 36.89
CG MSE B 1 2.12 46.28 38.39
SE MSE B 1 0.24 46.72 38.82
CE MSE B 1 -0.63 45.95 37.29
N SER B 2 2.33 43.49 37.47
CA SER B 2 2.10 42.17 38.05
C SER B 2 0.63 41.78 38.09
N LEU B 3 -0.24 42.72 38.42
CA LEU B 3 -1.69 42.47 38.39
C LEU B 3 -2.27 42.52 36.98
N SER B 4 -1.84 43.50 36.18
CA SER B 4 -2.25 43.55 34.78
C SER B 4 -1.58 42.43 33.99
N ARG B 5 -0.37 42.06 34.39
CA ARG B 5 0.33 40.90 33.83
C ARG B 5 -0.33 39.59 34.26
N SER B 6 -0.80 39.55 35.51
CA SER B 6 -1.49 38.39 36.05
C SER B 6 -2.84 38.23 35.37
N GLU B 7 -3.55 39.33 35.18
CA GLU B 7 -4.81 39.34 34.43
C GLU B 7 -4.61 38.86 32.98
N GLU B 8 -3.51 39.28 32.37
CA GLU B 8 -3.17 38.87 31.02
C GLU B 8 -2.92 37.36 30.92
N MSE B 9 -2.24 36.81 31.92
CA MSE B 9 -1.99 35.38 32.00
C MSE B 9 -3.27 34.57 32.20
O MSE B 9 -3.42 33.46 31.67
CB MSE B 9 -1.00 35.11 33.11
CG MSE B 9 -0.45 33.73 33.15
SE MSE B 9 1.28 33.76 34.02
CE MSE B 9 0.74 34.58 35.74
N HIS B 10 -4.20 35.15 32.96
CA HIS B 10 -5.54 34.62 33.12
C HIS B 10 -6.25 34.54 31.76
N ARG B 11 -6.18 35.62 30.97
CA ARG B 11 -6.78 35.64 29.63
C ARG B 11 -6.20 34.56 28.74
N LEU B 12 -4.88 34.45 28.74
CA LEU B 12 -4.19 33.46 27.92
C LEU B 12 -4.56 32.02 28.30
N THR B 13 -4.77 31.79 29.59
CA THR B 13 -5.13 30.46 30.13
C THR B 13 -6.52 30.05 29.66
N GLU B 14 -7.46 30.99 29.73
CA GLU B 14 -8.82 30.78 29.26
C GLU B 14 -8.84 30.51 27.75
N ASN B 15 -8.01 31.24 27.02
CA ASN B 15 -7.84 31.05 25.58
C ASN B 15 -7.38 29.64 25.22
N VAL B 16 -6.52 29.04 26.06
CA VAL B 16 -6.00 27.71 25.80
C VAL B 16 -7.14 26.67 25.84
N TYR B 17 -7.88 26.65 26.94
CA TYR B 17 -9.03 25.76 27.10
C TYR B 17 -10.09 25.99 26.02
N LYS B 18 -10.42 27.24 25.76
CA LYS B 18 -11.35 27.58 24.69
C LYS B 18 -10.91 27.01 23.34
N THR B 19 -9.62 27.16 23.01
CA THR B 19 -9.08 26.67 21.75
C THR B 19 -9.14 25.14 21.64
N ILE B 20 -8.81 24.44 22.74
CA ILE B 20 -8.88 22.98 22.76
C ILE B 20 -10.30 22.50 22.47
N MSE B 21 -11.28 23.16 23.11
CA MSE B 21 -12.67 22.74 23.02
C MSE B 21 -13.31 23.13 21.70
O MSE B 21 -14.15 22.41 21.17
CB MSE B 21 -13.49 23.31 24.18
CG MSE B 21 -13.08 22.80 25.55
SE MSE B 21 -14.09 23.69 26.97
CE MSE B 21 -12.64 24.07 28.12
N GLU B 22 -12.92 24.29 21.17
CA GLU B 22 -13.60 24.85 20.02
C GLU B 22 -12.90 24.56 18.69
N GLN B 23 -11.59 24.31 18.75
CA GLN B 23 -10.81 24.08 17.55
C GLN B 23 -10.14 22.70 17.51
N PHE B 24 -9.38 22.36 18.55
CA PHE B 24 -8.61 21.11 18.57
C PHE B 24 -9.49 19.86 18.49
N ASN B 25 -10.44 19.74 19.41
CA ASN B 25 -11.27 18.53 19.48
C ASN B 25 -12.23 18.36 18.29
N PRO B 26 -12.97 19.41 17.91
CA PRO B 26 -13.74 19.23 16.67
C PRO B 26 -12.87 18.87 15.46
N SER B 27 -11.67 19.45 15.35
CA SER B 27 -10.79 19.08 14.24
C SER B 27 -10.24 17.67 14.38
N LEU B 28 -9.95 17.25 15.61
CA LEU B 28 -9.50 15.87 15.88
C LEU B 28 -10.59 14.85 15.56
N ARG B 29 -11.84 15.20 15.85
CA ARG B 29 -12.98 14.35 15.52
C ARG B 29 -13.10 14.15 14.01
N ASN B 30 -12.84 15.20 13.24
CA ASN B 30 -12.84 15.06 11.78
C ASN B 30 -11.69 14.16 11.34
N PHE B 31 -10.54 14.33 11.98
CA PHE B 31 -9.35 13.53 11.67
C PHE B 31 -9.60 12.04 11.95
N ILE B 32 -10.28 11.74 13.05
CA ILE B 32 -10.69 10.38 13.37
C ILE B 32 -11.65 9.81 12.32
N ALA B 33 -12.66 10.59 11.93
CA ALA B 33 -13.60 10.16 10.90
C ALA B 33 -12.89 9.86 9.57
N MSE B 34 -11.97 10.74 9.17
CA MSE B 34 -11.15 10.52 7.99
C MSE B 34 -10.25 9.29 8.12
O MSE B 34 -10.02 8.57 7.15
CB MSE B 34 -10.31 11.77 7.68
CG MSE B 34 -11.11 13.03 7.34
SE MSE B 34 -12.47 12.77 5.95
CE MSE B 34 -11.35 12.15 4.62
N GLY B 35 -9.76 9.06 9.34
CA GLY B 35 -8.98 7.88 9.66
C GLY B 35 -9.78 6.60 9.50
N LYS B 36 -11.02 6.59 10.00
CA LYS B 36 -11.89 5.43 9.86
C LYS B 36 -12.13 5.11 8.39
N ASN B 37 -12.31 6.16 7.58
CA ASN B 37 -12.45 6.02 6.13
C ASN B 37 -11.20 5.43 5.47
N TYR B 38 -10.05 5.91 5.90
CA TYR B 38 -8.78 5.38 5.42
C TYR B 38 -8.64 3.90 5.80
N GLU B 39 -9.01 3.58 7.04
CA GLU B 39 -9.00 2.23 7.57
C GLU B 39 -9.90 1.26 6.76
N LYS B 40 -11.13 1.67 6.48
CA LYS B 40 -12.02 0.83 5.67
C LYS B 40 -11.47 0.63 4.26
N ALA B 41 -10.87 1.67 3.68
CA ALA B 41 -10.28 1.56 2.34
C ALA B 41 -9.14 0.55 2.35
N LEU B 42 -8.28 0.63 3.38
CA LEU B 42 -7.17 -0.32 3.54
C LEU B 42 -7.66 -1.74 3.77
N ALA B 43 -8.73 -1.88 4.56
CA ALA B 43 -9.36 -3.18 4.78
C ALA B 43 -9.88 -3.77 3.48
N GLY B 44 -10.34 -2.90 2.57
CA GLY B 44 -10.86 -3.34 1.27
C GLY B 44 -9.78 -3.94 0.39
N VAL B 45 -8.54 -3.46 0.54
CA VAL B 45 -7.40 -3.98 -0.21
C VAL B 45 -7.08 -5.41 0.19
N THR B 46 -7.21 -5.71 1.49
CA THR B 46 -6.84 -6.99 2.07
C THR B 46 -7.37 -8.20 1.29
N TYR B 47 -8.69 -8.30 1.13
CA TYR B 47 -9.24 -9.47 0.44
C TYR B 47 -9.16 -9.39 -1.07
N ALA B 48 -9.07 -8.18 -1.61
CA ALA B 48 -8.87 -7.97 -3.06
C ALA B 48 -7.49 -8.49 -3.46
N ALA B 49 -6.49 -8.20 -2.63
CA ALA B 49 -5.12 -8.69 -2.82
C ALA B 49 -5.06 -10.21 -2.72
N LYS B 50 -5.79 -10.78 -1.76
CA LYS B 50 -5.83 -12.23 -1.61
C LYS B 50 -6.40 -12.91 -2.87
N GLY B 51 -7.49 -12.35 -3.41
CA GLY B 51 -8.08 -12.88 -4.63
C GLY B 51 -7.13 -12.79 -5.81
N TYR B 52 -6.35 -11.71 -5.88
CA TYR B 52 -5.38 -11.50 -6.95
C TYR B 52 -4.22 -12.50 -6.86
N PHE B 53 -3.63 -12.64 -5.68
CA PHE B 53 -2.52 -13.56 -5.46
C PHE B 53 -2.94 -15.01 -5.62
N ASP B 54 -4.14 -15.35 -5.18
CA ASP B 54 -4.67 -16.71 -5.42
C ASP B 54 -4.80 -16.98 -6.91
N ALA B 55 -5.23 -15.98 -7.68
CA ALA B 55 -5.35 -16.12 -9.12
C ALA B 55 -3.95 -16.28 -9.76
N LEU B 56 -2.95 -15.62 -9.17
CA LEU B 56 -1.57 -15.77 -9.61
C LEU B 56 -1.02 -17.18 -9.29
N VAL B 57 -1.42 -17.74 -8.16
CA VAL B 57 -1.04 -19.12 -7.81
C VAL B 57 -1.65 -20.12 -8.80
N LYS B 58 -2.91 -19.90 -9.21
CA LYS B 58 -3.52 -20.74 -10.22
C LYS B 58 -2.72 -20.76 -11.54
N MSE B 59 -2.26 -19.59 -11.97
CA MSE B 59 -1.39 -19.50 -13.15
C MSE B 59 -0.09 -20.26 -12.94
O MSE B 59 0.45 -20.84 -13.88
CB MSE B 59 -1.09 -18.03 -13.52
CG MSE B 59 -2.29 -17.16 -13.76
SE MSE B 59 -3.66 -17.89 -14.98
CE MSE B 59 -2.62 -18.12 -16.66
N GLY B 60 0.43 -20.23 -11.72
CA GLY B 60 1.62 -20.99 -11.33
C GLY B 60 1.42 -22.49 -11.41
N GLU B 61 0.24 -22.95 -11.04
CA GLU B 61 -0.14 -24.35 -11.18
C GLU B 61 -0.15 -24.77 -12.64
N LEU B 62 -0.75 -23.94 -13.49
CA LEU B 62 -0.83 -24.28 -14.92
C LEU B 62 0.57 -24.37 -15.52
N ALA B 63 1.43 -23.42 -15.14
CA ALA B 63 2.81 -23.42 -15.60
C ALA B 63 3.54 -24.69 -15.14
N SER B 64 3.32 -25.11 -13.88
CA SER B 64 3.86 -26.37 -13.38
C SER B 64 3.43 -27.58 -14.20
N GLU B 65 2.18 -27.56 -14.66
CA GLU B 65 1.62 -28.68 -15.42
C GLU B 65 1.85 -28.57 -16.92
N SER B 66 2.48 -27.48 -17.36
CA SER B 66 2.60 -27.21 -18.80
C SER B 66 3.63 -28.12 -19.45
N GLN B 67 3.57 -28.23 -20.77
CA GLN B 67 4.54 -29.05 -21.50
C GLN B 67 5.97 -28.45 -21.47
N GLY B 68 6.09 -27.13 -21.56
CA GLY B 68 7.42 -26.50 -21.61
C GLY B 68 7.71 -25.22 -20.84
N SER B 69 6.90 -24.91 -19.83
CA SER B 69 7.11 -23.69 -19.02
C SER B 69 7.11 -24.01 -17.52
N LYS B 70 7.49 -25.22 -17.18
CA LYS B 70 7.42 -25.72 -15.81
C LYS B 70 8.14 -24.84 -14.80
N GLU B 71 9.34 -24.36 -15.13
CA GLU B 71 10.11 -23.48 -14.24
C GLU B 71 9.46 -22.14 -13.95
N LEU B 72 8.48 -21.76 -14.77
CA LEU B 72 7.76 -20.52 -14.51
C LEU B 72 6.69 -20.73 -13.43
N GLY B 73 6.33 -21.98 -13.17
CA GLY B 73 5.41 -22.32 -12.08
C GLY B 73 5.99 -21.86 -10.75
N ASP B 74 7.27 -22.13 -10.56
CA ASP B 74 7.98 -21.74 -9.34
C ASP B 74 8.13 -20.22 -9.23
N VAL B 75 8.39 -19.57 -10.35
CA VAL B 75 8.46 -18.11 -10.43
C VAL B 75 7.13 -17.48 -9.99
N LEU B 76 6.02 -17.97 -10.54
CA LEU B 76 4.69 -17.45 -10.19
C LEU B 76 4.35 -17.70 -8.72
N PHE B 77 4.67 -18.90 -8.21
CA PHE B 77 4.46 -19.24 -6.81
C PHE B 77 5.21 -18.28 -5.88
N GLN B 78 6.44 -17.93 -6.25
CA GLN B 78 7.23 -17.06 -5.39
C GLN B 78 6.87 -15.57 -5.49
N MSE B 79 6.28 -15.17 -6.62
CA MSE B 79 5.68 -13.84 -6.71
C MSE B 79 4.52 -13.71 -5.73
O MSE B 79 4.42 -12.71 -5.03
CB MSE B 79 5.24 -13.51 -8.13
CG MSE B 79 6.39 -13.38 -9.11
SE MSE B 79 5.81 -13.14 -10.97
CE MSE B 79 4.25 -14.10 -10.87
N ALA B 80 3.69 -14.75 -5.65
CA ALA B 80 2.56 -14.76 -4.72
C ALA B 80 3.03 -14.78 -3.28
N GLU B 81 4.12 -15.50 -3.03
CA GLU B 81 4.71 -15.56 -1.69
C GLU B 81 5.27 -14.20 -1.25
N VAL B 82 5.95 -13.50 -2.14
CA VAL B 82 6.46 -12.15 -1.84
C VAL B 82 5.31 -11.18 -1.59
N HIS B 83 4.31 -11.22 -2.49
CA HIS B 83 3.06 -10.48 -2.34
C HIS B 83 2.51 -10.71 -0.94
N ARG B 84 2.38 -11.98 -0.57
CA ARG B 84 1.77 -12.36 0.70
C ARG B 84 2.50 -11.82 1.93
N GLN B 85 3.82 -11.96 1.95
CA GLN B 85 4.65 -11.41 3.03
C GLN B 85 4.55 -9.89 3.15
N ILE B 86 4.54 -9.20 2.00
CA ILE B 86 4.37 -7.74 1.97
C ILE B 86 2.98 -7.34 2.49
N GLN B 87 1.93 -7.95 1.94
CA GLN B 87 0.56 -7.72 2.39
C GLN B 87 0.40 -7.99 3.88
N ASN B 88 1.11 -9.00 4.39
CA ASN B 88 1.13 -9.26 5.83
C ASN B 88 1.67 -8.09 6.65
N GLN B 89 2.67 -7.37 6.13
CA GLN B 89 3.24 -6.22 6.86
C GLN B 89 2.27 -5.05 6.85
N LEU B 90 1.56 -4.89 5.74
CA LEU B 90 0.52 -3.87 5.59
C LEU B 90 -0.60 -4.10 6.60
N GLU B 91 -0.93 -5.37 6.86
CA GLU B 91 -1.96 -5.74 7.84
C GLU B 91 -1.55 -5.46 9.29
N GLU B 92 -0.26 -5.58 9.59
CA GLU B 92 0.27 -5.18 10.89
C GLU B 92 0.21 -3.66 11.13
N MSE B 93 0.48 -2.87 10.09
CA MSE B 93 0.31 -1.42 10.21
C MSE B 93 -1.17 -1.06 10.34
O MSE B 93 -1.51 -0.17 11.12
CB MSE B 93 1.04 -0.62 9.10
CG MSE B 93 0.22 -0.19 7.91
SE MSE B 93 -0.98 1.38 8.14
CE MSE B 93 -1.12 1.89 6.22
N LEU B 94 -2.03 -1.77 9.61
CA LEU B 94 -3.49 -1.58 9.70
C LEU B 94 -3.99 -1.87 11.12
N LYS B 95 -3.48 -2.95 11.70
CA LYS B 95 -3.82 -3.35 13.05
C LYS B 95 -3.49 -2.27 14.07
N SER B 96 -2.28 -1.72 13.99
CA SER B 96 -1.84 -0.73 14.96
C SER B 96 -2.47 0.63 14.68
N PHE B 97 -2.77 0.92 13.41
CA PHE B 97 -3.50 2.12 13.02
C PHE B 97 -4.86 2.14 13.74
N HIS B 98 -5.51 0.99 13.79
CA HIS B 98 -6.78 0.83 14.48
C HIS B 98 -6.64 0.77 16.01
N ASN B 99 -5.92 -0.24 16.50
CA ASN B 99 -5.84 -0.52 17.93
C ASN B 99 -5.21 0.61 18.73
N GLU B 100 -4.27 1.32 18.11
CA GLU B 100 -3.50 2.34 18.81
C GLU B 100 -3.94 3.75 18.44
N LEU B 101 -3.71 4.16 17.20
CA LEU B 101 -4.09 5.51 16.78
C LEU B 101 -5.59 5.85 16.92
N LEU B 102 -6.46 5.18 16.16
CA LEU B 102 -7.88 5.57 16.13
C LEU B 102 -8.56 5.35 17.47
N THR B 103 -8.34 4.16 18.04
CA THR B 103 -8.91 3.79 19.33
C THR B 103 -8.50 4.77 20.43
N GLN B 104 -7.20 5.01 20.57
CA GLN B 104 -6.70 5.86 21.65
C GLN B 104 -7.09 7.33 21.49
N LEU B 105 -7.09 7.85 20.27
CA LEU B 105 -7.48 9.25 20.04
C LEU B 105 -8.96 9.46 20.36
N GLU B 106 -9.79 8.52 19.96
CA GLU B 106 -11.21 8.59 20.22
C GLU B 106 -11.47 8.58 21.73
N GLN B 107 -10.75 7.73 22.45
CA GLN B 107 -10.81 7.71 23.92
C GLN B 107 -10.48 9.08 24.51
N LYS B 108 -9.48 9.75 23.94
CA LYS B 108 -9.05 11.07 24.41
C LYS B 108 -10.10 12.15 24.19
N VAL B 109 -10.71 12.21 23.00
CA VAL B 109 -11.71 13.24 22.72
C VAL B 109 -12.92 13.03 23.62
N GLU B 110 -13.26 11.78 23.88
CA GLU B 110 -14.43 11.44 24.67
C GLU B 110 -14.27 11.85 26.13
N LEU B 111 -13.07 11.67 26.68
CA LEU B 111 -12.70 12.19 28.00
C LEU B 111 -12.85 13.70 28.10
N ASP B 112 -12.28 14.41 27.14
CA ASP B 112 -12.39 15.86 27.06
C ASP B 112 -13.85 16.32 26.98
N SER B 113 -14.64 15.67 26.12
CA SER B 113 -16.05 15.99 25.95
C SER B 113 -16.85 15.96 27.26
N ARG B 114 -16.46 15.07 28.17
CA ARG B 114 -17.15 15.02 29.47
C ARG B 114 -16.50 15.81 30.62
N TYR B 115 -15.22 16.15 30.53
CA TYR B 115 -14.50 16.69 31.71
C TYR B 115 -13.76 18.01 31.56
N LEU B 116 -13.27 18.31 30.36
CA LEU B 116 -12.50 19.54 30.12
C LEU B 116 -13.26 20.78 30.63
N SER B 117 -14.54 20.87 30.27
CA SER B 117 -15.43 21.92 30.76
C SER B 117 -15.28 22.13 32.26
N ALA B 118 -15.22 21.02 33.00
CA ALA B 118 -15.10 21.03 34.46
C ALA B 118 -13.76 21.52 34.98
N ALA B 119 -12.68 21.17 34.28
CA ALA B 119 -11.35 21.65 34.65
C ALA B 119 -11.29 23.16 34.51
N LEU B 120 -11.84 23.67 33.41
CA LEU B 120 -11.93 25.10 33.17
C LEU B 120 -12.75 25.78 34.27
N LYS B 121 -13.95 25.27 34.54
CA LYS B 121 -14.82 25.81 35.58
C LYS B 121 -14.13 25.86 36.96
N LYS B 122 -13.39 24.80 37.30
CA LYS B 122 -12.66 24.74 38.56
C LYS B 122 -11.58 25.83 38.63
N TYR B 123 -10.77 25.92 37.58
CA TYR B 123 -9.77 26.98 37.48
C TYR B 123 -10.39 28.37 37.60
N GLN B 124 -11.43 28.65 36.80
CA GLN B 124 -12.11 29.95 36.80
C GLN B 124 -12.61 30.34 38.19
N THR B 125 -13.23 29.37 38.85
CA THR B 125 -13.80 29.54 40.19
C THR B 125 -12.74 29.86 41.25
N GLU B 126 -11.67 29.07 41.28
CA GLU B 126 -10.60 29.23 42.26
C GLU B 126 -9.83 30.52 42.00
N GLN B 127 -9.68 30.87 40.72
CA GLN B 127 -9.00 32.10 40.33
C GLN B 127 -9.79 33.33 40.81
N ARG B 128 -11.09 33.32 40.56
CA ARG B 128 -11.97 34.41 41.00
C ARG B 128 -11.99 34.54 42.51
N SER B 129 -12.04 33.39 43.19
CA SER B 129 -12.03 33.31 44.64
C SER B 129 -10.76 33.91 45.24
N LYS B 130 -9.61 33.60 44.65
CA LYS B 130 -8.33 34.14 45.11
C LYS B 130 -8.20 35.64 44.78
N GLY B 131 -8.79 36.04 43.66
CA GLY B 131 -8.87 37.45 43.28
C GLY B 131 -9.77 38.27 44.20
N ASP B 132 -10.87 37.67 44.67
CA ASP B 132 -11.78 38.32 45.62
C ASP B 132 -11.11 38.52 46.97
N ALA B 133 -10.34 37.52 47.39
CA ALA B 133 -9.62 37.55 48.65
C ALA B 133 -8.53 38.62 48.66
N LEU B 134 -7.86 38.81 47.51
CA LEU B 134 -6.90 39.89 47.37
C LEU B 134 -7.59 41.26 47.40
N ASP B 135 -8.69 41.38 46.65
CA ASP B 135 -9.46 42.63 46.61
C ASP B 135 -9.93 43.06 47.99
N LYS B 136 -10.40 42.10 48.78
CA LYS B 136 -10.85 42.35 50.15
C LYS B 136 -9.73 42.96 51.00
N CYS B 137 -8.54 42.35 50.95
CA CYS B 137 -7.38 42.84 51.71
C CYS B 137 -6.96 44.25 51.32
N GLN B 138 -6.93 44.50 50.01
CA GLN B 138 -6.58 45.82 49.48
C GLN B 138 -7.59 46.87 49.91
N ALA B 139 -8.88 46.50 49.93
CA ALA B 139 -9.95 47.38 50.43
C ALA B 139 -9.77 47.72 51.91
N GLU B 140 -9.44 46.72 52.72
CA GLU B 140 -9.14 46.93 54.15
C GLU B 140 -8.00 47.92 54.39
N LEU B 141 -6.92 47.80 53.60
CA LEU B 141 -5.81 48.74 53.68
C LEU B 141 -6.24 50.15 53.28
N LYS B 142 -6.94 50.25 52.15
CA LYS B 142 -7.44 51.53 51.66
C LYS B 142 -8.35 52.22 52.68
N LYS B 143 -9.23 51.44 53.30
CA LYS B 143 -10.10 51.94 54.36
C LYS B 143 -9.31 52.48 55.56
N LEU B 144 -8.31 51.71 56.00
CA LEU B 144 -7.47 52.11 57.14
C LEU B 144 -6.75 53.43 56.88
N ARG B 145 -6.37 53.65 55.62
CA ARG B 145 -5.55 54.79 55.21
C ARG B 145 -6.30 56.12 55.13
N LYS B 146 -7.61 56.09 55.39
CA LYS B 146 -8.39 57.33 55.41
C LYS B 146 -8.28 58.04 56.75
N LYS B 147 -8.06 57.25 57.80
CA LYS B 147 -7.81 57.78 59.16
C LYS B 147 -6.32 57.74 59.52
N SER B 148 -5.47 57.72 58.49
CA SER B 148 -4.00 57.65 58.68
C SER B 148 -3.43 58.98 59.21
N GLN B 149 -3.95 60.09 58.70
CA GLN B 149 -3.49 61.42 59.09
C GLN B 149 -4.05 61.84 60.45
N GLY B 150 -3.19 62.45 61.26
CA GLY B 150 -3.62 63.09 62.51
C GLY B 150 -3.57 62.25 63.77
N SER B 151 -3.69 60.92 63.61
CA SER B 151 -3.69 59.97 64.74
C SER B 151 -2.45 60.15 65.64
N LYS B 152 -2.57 59.69 66.89
CA LYS B 152 -1.41 59.58 67.76
C LYS B 152 -0.62 58.34 67.40
N ASN B 153 0.48 58.10 68.13
CA ASN B 153 1.32 56.92 67.94
C ASN B 153 1.33 56.42 66.49
N PRO B 154 1.93 57.20 65.56
CA PRO B 154 2.06 56.77 64.17
C PRO B 154 2.69 55.39 64.04
N GLN B 155 3.35 54.92 65.10
CA GLN B 155 3.97 53.59 65.15
C GLN B 155 2.91 52.50 65.28
N LYS B 156 1.95 52.70 66.18
CA LYS B 156 0.84 51.75 66.35
C LYS B 156 -0.09 51.78 65.13
N TYR B 157 -0.15 52.91 64.44
CA TYR B 157 -0.80 52.97 63.13
C TYR B 157 -0.02 52.15 62.11
N SER B 158 1.31 52.33 62.05
CA SER B 158 2.17 51.59 61.14
C SER B 158 2.12 50.08 61.36
N ASP B 159 1.97 49.67 62.62
CA ASP B 159 1.88 48.26 62.96
C ASP B 159 0.64 47.65 62.32
N LYS B 160 -0.46 48.40 62.34
CA LYS B 160 -1.70 48.00 61.68
C LYS B 160 -1.52 47.92 60.17
N GLU B 161 -0.91 48.95 59.60
CA GLU B 161 -0.65 49.02 58.17
C GLU B 161 0.24 47.84 57.72
N LEU B 162 1.22 47.49 58.54
CA LEU B 162 2.10 46.35 58.25
C LEU B 162 1.32 45.01 58.21
N GLN B 163 0.37 44.83 59.12
CA GLN B 163 -0.46 43.63 59.11
C GLN B 163 -1.26 43.50 57.81
N TYR B 164 -1.76 44.64 57.32
CA TYR B 164 -2.53 44.68 56.07
C TYR B 164 -1.64 44.50 54.84
N ILE B 165 -0.45 45.10 54.88
CA ILE B 165 0.51 44.96 53.78
C ILE B 165 0.98 43.51 53.66
N ASP B 166 1.23 42.87 54.81
CA ASP B 166 1.57 41.44 54.85
C ASP B 166 0.45 40.55 54.35
N ALA B 167 -0.78 40.82 54.79
CA ALA B 167 -1.96 40.10 54.31
C ALA B 167 -2.10 40.22 52.79
N ILE B 168 -2.00 41.46 52.28
CA ILE B 168 -2.05 41.71 50.83
C ILE B 168 -1.01 40.92 50.04
N SER B 169 0.26 41.02 50.43
CA SER B 169 1.33 40.37 49.68
C SER B 169 1.24 38.85 49.79
N ASN B 170 0.69 38.36 50.89
CA ASN B 170 0.36 36.94 50.98
C ASN B 170 -0.73 36.54 50.00
N LYS B 171 -1.84 37.27 49.98
CA LYS B 171 -2.96 36.98 49.08
C LYS B 171 -2.59 37.21 47.62
N GLN B 172 -1.71 38.18 47.38
CA GLN B 172 -1.23 38.47 46.04
C GLN B 172 -0.34 37.34 45.52
N GLY B 173 0.52 36.83 46.38
CA GLY B 173 1.39 35.69 46.05
C GLY B 173 0.56 34.48 45.68
N GLU B 174 -0.43 34.18 46.53
CA GLU B 174 -1.34 33.06 46.31
C GLU B 174 -2.06 33.14 44.97
N LEU B 175 -2.55 34.33 44.62
CA LEU B 175 -3.28 34.50 43.36
C LEU B 175 -2.31 34.36 42.19
N GLU B 176 -1.18 35.05 42.27
CA GLU B 176 -0.20 35.04 41.18
C GLU B 176 0.42 33.66 40.97
N ASN B 177 0.71 32.95 42.06
CA ASN B 177 1.19 31.57 41.97
C ASN B 177 0.13 30.70 41.32
N TYR B 178 -1.12 30.88 41.74
CA TYR B 178 -2.22 30.12 41.18
C TYR B 178 -2.37 30.37 39.68
N VAL B 179 -2.23 31.64 39.27
CA VAL B 179 -2.39 32.02 37.87
C VAL B 179 -1.22 31.55 37.00
N SER B 180 0.02 31.69 37.48
CA SER B 180 1.17 31.16 36.71
C SER B 180 1.15 29.63 36.66
N ASP B 181 0.78 28.98 37.77
CA ASP B 181 0.63 27.52 37.74
C ASP B 181 -0.49 27.08 36.79
N GLY B 182 -1.57 27.84 36.76
CA GLY B 182 -2.69 27.59 35.85
C GLY B 182 -2.30 27.72 34.38
N TYR B 183 -1.47 28.72 34.10
CA TYR B 183 -1.02 28.98 32.74
C TYR B 183 -0.07 27.88 32.26
N LYS B 184 0.90 27.53 33.10
CA LYS B 184 1.78 26.40 32.83
C LYS B 184 0.98 25.11 32.60
N THR B 185 -0.02 24.86 33.45
CA THR B 185 -0.86 23.66 33.33
C THR B 185 -1.64 23.65 32.01
N ALA B 186 -2.19 24.81 31.62
CA ALA B 186 -2.94 24.91 30.36
C ALA B 186 -2.01 24.68 29.16
N LEU B 187 -0.81 25.24 29.20
CA LEU B 187 0.15 25.02 28.12
C LEU B 187 0.55 23.55 27.99
N THR B 188 0.68 22.87 29.13
CA THR B 188 1.02 21.46 29.14
C THR B 188 -0.13 20.61 28.61
N GLU B 189 -1.36 21.00 28.95
CA GLU B 189 -2.57 20.36 28.43
C GLU B 189 -2.65 20.46 26.92
N GLU B 190 -2.42 21.67 26.40
CA GLU B 190 -2.40 21.90 24.97
C GLU B 190 -1.30 21.05 24.31
N ARG B 191 -0.09 21.12 24.85
CA ARG B 191 1.05 20.40 24.28
C ARG B 191 0.91 18.89 24.30
N ARG B 192 0.48 18.33 25.43
CA ARG B 192 0.27 16.89 25.57
C ARG B 192 -0.62 16.33 24.47
N ARG B 193 -1.70 17.04 24.17
CA ARG B 193 -2.65 16.64 23.13
C ARG B 193 -2.01 16.60 21.74
N PHE B 194 -1.26 17.64 21.39
CA PHE B 194 -0.51 17.66 20.13
C PHE B 194 0.59 16.58 20.09
N CYS B 195 1.31 16.42 21.19
CA CYS B 195 2.40 15.42 21.28
C CYS B 195 1.88 14.00 21.16
N PHE B 196 0.74 13.74 21.79
CA PHE B 196 0.13 12.43 21.75
C PHE B 196 -0.25 12.08 20.31
N LEU B 197 -0.84 13.06 19.61
CA LEU B 197 -1.19 12.89 18.20
C LEU B 197 0.04 12.52 17.37
N VAL B 198 1.11 13.30 17.51
CA VAL B 198 2.35 13.06 16.81
C VAL B 198 2.95 11.70 17.16
N GLU B 199 2.93 11.37 18.45
CA GLU B 199 3.39 10.07 18.95
C GLU B 199 2.65 8.88 18.29
N LYS B 200 1.31 8.95 18.25
CA LYS B 200 0.50 7.92 17.56
C LYS B 200 0.86 7.79 16.06
N GLN B 201 1.02 8.92 15.39
CA GLN B 201 1.44 8.92 13.99
C GLN B 201 2.84 8.31 13.77
N CYS B 202 3.76 8.58 14.69
CA CYS B 202 5.10 8.00 14.67
C CYS B 202 5.04 6.47 14.78
N ALA B 203 4.14 5.96 15.63
CA ALA B 203 3.96 4.51 15.81
C ALA B 203 3.43 3.84 14.54
N VAL B 204 2.52 4.51 13.84
CA VAL B 204 2.01 4.02 12.55
C VAL B 204 3.10 4.09 11.48
N ALA B 205 3.83 5.21 11.42
CA ALA B 205 4.93 5.37 10.45
C ALA B 205 6.03 4.32 10.61
N LYS B 206 6.31 3.93 11.85
CA LYS B 206 7.27 2.88 12.14
C LYS B 206 6.82 1.57 11.52
N ASN B 207 5.54 1.26 11.67
CA ASN B 207 4.96 0.09 11.00
C ASN B 207 4.98 0.22 9.47
N SER B 208 4.74 1.43 8.96
CA SER B 208 4.81 1.69 7.52
C SER B 208 6.21 1.46 6.97
N ALA B 209 7.22 1.92 7.72
CA ALA B 209 8.62 1.72 7.35
C ALA B 209 8.99 0.24 7.37
N ALA B 210 8.47 -0.52 8.33
CA ALA B 210 8.73 -1.97 8.34
C ALA B 210 8.12 -2.62 7.10
N TYR B 211 6.93 -2.16 6.73
CA TYR B 211 6.23 -2.61 5.53
C TYR B 211 7.02 -2.29 4.25
N HIS B 212 7.45 -1.04 4.10
CA HIS B 212 8.23 -0.63 2.92
C HIS B 212 9.58 -1.32 2.82
N SER B 213 10.27 -1.46 3.95
CA SER B 213 11.58 -2.08 3.92
C SER B 213 11.50 -3.58 3.59
N LYS B 214 10.45 -4.24 4.08
CA LYS B 214 10.14 -5.64 3.70
C LYS B 214 9.90 -5.80 2.20
N GLY B 215 9.06 -4.95 1.62
CA GLY B 215 8.80 -4.95 0.18
C GLY B 215 10.06 -4.74 -0.64
N LYS B 216 10.85 -3.73 -0.25
CA LYS B 216 12.10 -3.44 -0.93
C LYS B 216 13.07 -4.63 -0.86
N GLU B 217 13.24 -5.21 0.33
CA GLU B 217 14.19 -6.30 0.54
C GLU B 217 13.80 -7.54 -0.27
N LEU B 218 12.57 -8.00 -0.11
CA LEU B 218 12.10 -9.21 -0.80
C LEU B 218 12.18 -9.05 -2.31
N LEU B 219 11.79 -7.89 -2.81
CA LEU B 219 11.85 -7.60 -4.25
C LEU B 219 13.28 -7.44 -4.76
N ALA B 220 14.17 -6.89 -3.93
CA ALA B 220 15.57 -6.73 -4.31
C ALA B 220 16.23 -8.07 -4.62
N GLN B 221 15.89 -9.10 -3.86
CA GLN B 221 16.52 -10.40 -4.02
C GLN B 221 15.86 -11.36 -5.00
N LYS B 222 14.56 -11.18 -5.25
CA LYS B 222 13.83 -12.10 -6.13
C LYS B 222 13.69 -11.59 -7.56
N LEU B 223 13.55 -10.28 -7.71
CA LEU B 223 13.23 -9.68 -9.00
C LEU B 223 14.23 -10.00 -10.12
N PRO B 224 15.54 -9.85 -9.87
CA PRO B 224 16.51 -10.25 -10.90
C PRO B 224 16.30 -11.67 -11.43
N LEU B 225 16.01 -12.62 -10.54
CA LEU B 225 15.76 -14.02 -10.91
C LEU B 225 14.46 -14.17 -11.72
N TRP B 226 13.46 -13.35 -11.40
CA TRP B 226 12.21 -13.35 -12.13
C TRP B 226 12.40 -12.82 -13.55
N GLN B 227 13.12 -11.71 -13.67
CA GLN B 227 13.40 -11.07 -14.96
C GLN B 227 14.13 -12.02 -15.91
N GLN B 228 15.11 -12.75 -15.38
CA GLN B 228 15.87 -13.70 -16.20
C GLN B 228 15.09 -14.96 -16.59
N ALA B 229 14.22 -15.43 -15.70
CA ALA B 229 13.49 -16.68 -15.92
C ALA B 229 12.63 -16.66 -17.18
N CYS B 230 12.00 -15.51 -17.43
CA CYS B 230 11.08 -15.34 -18.57
C CYS B 230 11.76 -14.68 -19.76
N ALA B 231 13.09 -14.61 -19.74
CA ALA B 231 13.85 -13.88 -20.76
C ALA B 231 13.96 -14.59 -22.11
N ASP B 232 13.45 -15.82 -22.18
CA ASP B 232 13.51 -16.60 -23.43
C ASP B 232 12.19 -17.32 -23.72
N PRO B 233 11.23 -16.61 -24.35
CA PRO B 233 9.89 -17.15 -24.62
C PRO B 233 9.82 -18.16 -25.79
N SER B 234 10.97 -18.49 -26.38
CA SER B 234 11.01 -19.43 -27.51
C SER B 234 11.76 -20.72 -27.18
N LYS B 235 12.03 -20.93 -25.89
CA LYS B 235 12.77 -22.10 -25.44
C LYS B 235 11.94 -23.37 -25.57
N ILE B 236 12.50 -24.35 -26.27
CA ILE B 236 11.87 -25.65 -26.43
C ILE B 236 12.49 -26.59 -25.39
N PRO B 237 11.65 -27.33 -24.63
CA PRO B 237 12.17 -28.26 -23.63
C PRO B 237 12.94 -29.43 -24.26
N GLU B 238 13.90 -29.97 -23.51
CA GLU B 238 14.81 -31.01 -23.99
C GLU B 238 14.12 -32.25 -24.55
N ARG B 239 13.13 -32.75 -23.83
CA ARG B 239 12.34 -33.92 -24.23
C ARG B 239 11.76 -33.72 -25.64
N ALA B 240 11.29 -32.51 -25.91
CA ALA B 240 10.67 -32.15 -27.19
C ALA B 240 11.65 -32.07 -28.35
N VAL B 241 12.84 -31.51 -28.09
CA VAL B 241 13.92 -31.45 -29.08
C VAL B 241 14.29 -32.86 -29.53
N GLN B 242 14.43 -33.78 -28.56
CA GLN B 242 14.73 -35.18 -28.84
C GLN B 242 13.61 -35.89 -29.61
N LEU B 243 12.37 -35.62 -29.22
CA LEU B 243 11.18 -36.13 -29.93
C LEU B 243 11.22 -35.81 -31.42
N MSE B 244 11.52 -34.55 -31.74
CA MSE B 244 11.54 -34.06 -33.11
C MSE B 244 12.73 -34.60 -33.90
O MSE B 244 12.61 -34.90 -35.09
CB MSE B 244 11.55 -32.53 -33.13
CG MSE B 244 10.26 -31.92 -32.64
SE MSE B 244 10.30 -29.98 -32.68
CE MSE B 244 11.56 -29.62 -31.25
N GLN B 245 13.85 -34.72 -33.21
CA GLN B 245 15.05 -35.35 -33.76
C GLN B 245 14.77 -36.79 -34.18
N GLN B 246 14.15 -37.55 -33.28
CA GLN B 246 13.81 -38.96 -33.52
C GLN B 246 13.02 -39.17 -34.81
N VAL B 247 12.05 -38.29 -35.05
CA VAL B 247 11.17 -38.37 -36.21
C VAL B 247 11.89 -38.06 -37.52
N ALA B 248 12.79 -37.07 -37.49
CA ALA B 248 13.45 -36.57 -38.70
C ALA B 248 14.79 -37.23 -39.02
#